data_6JBT
#
_entry.id   6JBT
#
_cell.length_a   75.768
_cell.length_b   64.197
_cell.length_c   78.722
_cell.angle_alpha   90.00
_cell.angle_beta   113.36
_cell.angle_gamma   90.00
#
_symmetry.space_group_name_H-M   'P 1 21 1'
#
loop_
_entity.id
_entity.type
_entity.pdbx_description
1 polymer 'Programmed cell death protein 1'
2 polymer 'Heavy chain'
3 polymer 'Light chain'
4 branched 2-acetamido-2-deoxy-beta-D-glucopyranose-(1-4)-[alpha-L-fucopyranose-(1-6)]2-acetamido-2-deoxy-beta-D-glucopyranose
5 non-polymer 2-acetamido-2-deoxy-beta-D-glucopyranose
6 water water
#
loop_
_entity_poly.entity_id
_entity_poly.type
_entity_poly.pdbx_seq_one_letter_code
_entity_poly.pdbx_strand_id
1 'polypeptide(L)'
;MPGWFLDSPDRPWNPPTFSPALLVVTEGDNATFTCSFSNTSESFVLNWYRMSPSNQTDKLAAFPEDRSQPGQDCRFRVTQ
LPNGRDFHMSVVRARRNDSGTYLCGAISLAPKAQIKESLRAELRVTERRAEVPTAHPSPSPRPAGQFQTLVHHHHHH
;
F
2 'polypeptide(L)'
;QGQLVQSGAEVKKPGASVKVSCKASGYTFTDYEMHWVRQAPIHGLEWIGVIESETGGTAYNQKFKGRVTITADKSTSTAY
MELSSLRSEDTAVYYCAREGITTVATTYYWYFDVWGQGTTVTVSSASTKGPSVFPLAPCSRSTSESTAALGCLVKDYFPE
PVTVSWNSGALTSGVHTFPAVLQSSGLYSLSSVVTVPSSSLGTKTYTCNVDHKPSNTKVDKRV
;
H
3 'polypeptide(L)'
;DVVMTQSPLSLPVTLGQPASISCRSSQSIVHSNGNTYLEWYLQKPGQSPQLLIYKVSNRFSGVPDRFSGSGSGTDFTLKI
SRVEAEDVGVYYCFQGSHVPLTFGQGTKLEIKRTVAAPSVFIFPPSDEQLKSGTASVVCLLNNFYPREAKVQWKVDNALQ
SGNSQESVTEQDSKDSTYSLSSTLTLSKADYEKHKVYACEVTHQGLSSPVTKSFNRGEC
;
L
#
# COMPACT_ATOMS: atom_id res chain seq x y z
N PRO A 12 3.26 34.10 3.09
CA PRO A 12 2.72 33.06 2.22
C PRO A 12 3.51 32.95 0.92
N TRP A 13 3.53 31.76 0.33
CA TRP A 13 4.34 31.49 -0.86
C TRP A 13 3.45 31.61 -2.09
N ASN A 14 3.85 32.47 -3.02
CA ASN A 14 3.18 32.64 -4.29
C ASN A 14 1.66 32.83 -4.15
N PRO A 15 1.21 33.84 -3.41
CA PRO A 15 -0.21 34.05 -3.24
C PRO A 15 -0.82 34.69 -4.48
N PRO A 16 -2.12 34.51 -4.71
CA PRO A 16 -2.79 35.27 -5.77
C PRO A 16 -3.03 36.70 -5.34
N THR A 17 -3.08 37.59 -6.33
CA THR A 17 -3.39 39.00 -6.08
C THR A 17 -4.81 39.28 -6.55
N PHE A 18 -5.48 40.20 -5.85
CA PHE A 18 -6.87 40.52 -6.12
C PHE A 18 -6.98 42.04 -6.23
N SER A 19 -7.45 42.52 -7.38
CA SER A 19 -7.40 43.94 -7.69
C SER A 19 -8.67 44.38 -8.40
N PRO A 20 -9.06 45.66 -8.27
CA PRO A 20 -8.43 46.67 -7.43
C PRO A 20 -8.80 46.53 -5.95
N ALA A 21 -7.95 47.06 -5.06
CA ALA A 21 -8.21 46.99 -3.63
C ALA A 21 -9.48 47.72 -3.24
N LEU A 22 -9.93 48.67 -4.07
CA LEU A 22 -11.15 49.41 -3.83
C LEU A 22 -11.81 49.67 -5.17
N LEU A 23 -12.98 49.09 -5.39
CA LEU A 23 -13.73 49.22 -6.63
C LEU A 23 -15.12 49.75 -6.29
N VAL A 24 -15.50 50.87 -6.91
CA VAL A 24 -16.79 51.49 -6.65
C VAL A 24 -17.53 51.62 -7.97
N VAL A 25 -18.77 51.15 -7.97
CA VAL A 25 -19.63 51.15 -9.16
C VAL A 25 -21.00 51.67 -8.76
N THR A 26 -21.75 52.11 -9.77
CA THR A 26 -23.14 52.52 -9.59
C THR A 26 -24.05 51.31 -9.73
N GLU A 27 -25.06 51.24 -8.87
CA GLU A 27 -25.97 50.10 -8.84
C GLU A 27 -26.60 49.88 -10.21
N GLY A 28 -26.41 48.69 -10.76
CA GLY A 28 -26.90 48.42 -12.08
C GLY A 28 -25.78 48.00 -13.00
N ASP A 29 -24.61 48.60 -12.80
CA ASP A 29 -23.46 48.31 -13.64
C ASP A 29 -22.86 46.95 -13.30
N ASN A 30 -21.92 46.51 -14.12
CA ASN A 30 -21.12 45.34 -13.83
C ASN A 30 -19.85 45.76 -13.11
N ALA A 31 -19.39 44.92 -12.18
CA ALA A 31 -18.19 45.20 -11.41
C ALA A 31 -17.22 44.04 -11.63
N THR A 32 -16.03 44.35 -12.14
CA THR A 32 -15.07 43.33 -12.54
C THR A 32 -13.79 43.47 -11.72
N PHE A 33 -13.45 42.41 -10.98
CA PHE A 33 -12.17 42.30 -10.29
C PHE A 33 -11.20 41.48 -11.13
N THR A 34 -9.91 41.65 -10.85
CA THR A 34 -8.85 40.89 -11.50
C THR A 34 -8.08 40.13 -10.43
N CYS A 35 -8.16 38.80 -10.47
CA CYS A 35 -7.36 37.92 -9.63
C CYS A 35 -6.32 37.23 -10.49
N SER A 36 -5.05 37.53 -10.24
CA SER A 36 -3.96 36.97 -11.03
C SER A 36 -3.26 35.90 -10.20
N PHE A 37 -3.19 34.69 -10.74
CA PHE A 37 -2.53 33.58 -10.07
C PHE A 37 -1.58 32.94 -11.06
N SER A 38 -0.27 33.01 -10.77
CA SER A 38 0.76 32.37 -11.56
C SER A 38 1.04 31.01 -10.94
N ASN A 39 0.32 29.99 -11.42
CA ASN A 39 0.47 28.66 -10.85
C ASN A 39 1.77 28.01 -11.26
N THR A 40 2.29 27.14 -10.39
CA THR A 40 3.55 26.45 -10.63
C THR A 40 3.36 25.06 -11.22
N SER A 41 2.37 24.31 -10.73
CA SER A 41 2.05 23.00 -11.31
C SER A 41 0.56 22.80 -11.08
N GLU A 42 -0.17 22.77 -12.18
CA GLU A 42 -1.57 23.13 -12.40
C GLU A 42 -2.58 22.25 -11.66
N SER A 43 -2.30 21.33 -10.75
CA SER A 43 -3.37 20.73 -9.95
C SER A 43 -3.80 21.74 -8.90
N PHE A 44 -4.72 22.64 -9.31
CA PHE A 44 -5.17 23.71 -8.44
C PHE A 44 -6.59 24.12 -8.81
N VAL A 45 -7.27 24.74 -7.84
CA VAL A 45 -8.57 25.36 -8.07
C VAL A 45 -8.56 26.77 -7.49
N LEU A 46 -9.27 27.68 -8.14
CA LEU A 46 -9.40 29.07 -7.72
C LEU A 46 -10.83 29.31 -7.26
N ASN A 47 -10.98 29.97 -6.11
CA ASN A 47 -12.29 30.25 -5.55
C ASN A 47 -12.46 31.74 -5.30
N TRP A 48 -13.64 32.26 -5.60
CA TRP A 48 -14.00 33.64 -5.33
C TRP A 48 -14.86 33.68 -4.06
N TYR A 49 -14.46 34.51 -3.09
CA TYR A 49 -15.10 34.56 -1.79
C TYR A 49 -15.60 35.96 -1.48
N ARG A 50 -16.66 36.01 -0.67
CA ARG A 50 -17.16 37.23 -0.05
C ARG A 50 -17.22 36.99 1.45
N MET A 51 -16.72 37.95 2.22
CA MET A 51 -16.58 37.77 3.67
C MET A 51 -17.81 38.34 4.37
N SER A 52 -18.64 37.46 4.90
CA SER A 52 -19.91 37.78 5.55
C SER A 52 -19.64 38.26 6.98
N PRO A 53 -20.71 38.60 7.76
CA PRO A 53 -20.51 39.10 9.13
C PRO A 53 -19.42 38.42 9.96
N SER A 54 -18.45 39.23 10.39
CA SER A 54 -17.36 38.82 11.29
C SER A 54 -16.67 37.55 10.79
N ASN A 55 -16.19 37.63 9.56
CA ASN A 55 -15.29 36.62 8.97
C ASN A 55 -15.94 35.24 8.90
N GLN A 56 -17.04 35.16 8.15
CA GLN A 56 -17.57 33.89 7.66
C GLN A 56 -17.56 33.97 6.14
N THR A 57 -16.84 33.06 5.50
CA THR A 57 -16.60 33.13 4.07
C THR A 57 -17.71 32.45 3.28
N ASP A 58 -18.16 33.13 2.22
CA ASP A 58 -19.17 32.61 1.31
C ASP A 58 -18.52 32.39 -0.05
N LYS A 59 -18.65 31.16 -0.56
CA LYS A 59 -18.14 30.85 -1.90
C LYS A 59 -19.11 31.38 -2.94
N LEU A 60 -18.62 32.25 -3.82
CA LEU A 60 -19.42 32.84 -4.89
C LEU A 60 -19.28 32.10 -6.21
N ALA A 61 -18.09 31.61 -6.51
CA ALA A 61 -17.81 30.90 -7.74
C ALA A 61 -16.45 30.25 -7.58
N ALA A 62 -16.11 29.39 -8.53
CA ALA A 62 -14.86 28.67 -8.50
C ALA A 62 -14.46 28.31 -9.91
N PHE A 63 -13.16 28.42 -10.20
CA PHE A 63 -12.60 27.95 -11.44
C PHE A 63 -11.61 26.84 -11.15
N PRO A 64 -11.69 25.69 -11.84
CA PRO A 64 -12.66 25.33 -12.88
C PRO A 64 -14.09 25.17 -12.37
N GLU A 65 -15.01 24.85 -13.27
CA GLU A 65 -16.45 24.82 -13.01
C GLU A 65 -16.98 26.23 -12.77
N ASP A 73 -25.56 30.95 -7.86
CA ASP A 73 -25.93 32.20 -8.52
C ASP A 73 -25.08 32.43 -9.77
N CYS A 74 -25.75 32.72 -10.89
CA CYS A 74 -25.07 32.99 -12.15
C CYS A 74 -24.71 34.46 -12.33
N ARG A 75 -25.08 35.32 -11.37
CA ARG A 75 -24.65 36.71 -11.43
C ARG A 75 -23.19 36.87 -11.08
N PHE A 76 -22.54 35.84 -10.56
CA PHE A 76 -21.10 35.86 -10.25
C PHE A 76 -20.39 34.99 -11.27
N ARG A 77 -19.58 35.61 -12.12
CA ARG A 77 -18.93 34.95 -13.24
C ARG A 77 -17.41 35.02 -13.07
N VAL A 78 -16.76 33.88 -13.28
CA VAL A 78 -15.29 33.82 -13.35
C VAL A 78 -14.92 33.42 -14.77
N THR A 79 -13.97 34.15 -15.36
CA THR A 79 -13.55 33.94 -16.74
C THR A 79 -12.03 33.89 -16.81
N GLN A 80 -11.50 32.81 -17.40
CA GLN A 80 -10.06 32.67 -17.57
C GLN A 80 -9.61 33.39 -18.84
N LEU A 81 -8.56 34.19 -18.72
CA LEU A 81 -8.06 35.00 -19.82
C LEU A 81 -7.04 34.20 -20.63
N PRO A 82 -6.66 34.68 -21.83
CA PRO A 82 -5.74 33.90 -22.67
C PRO A 82 -4.44 33.48 -22.00
N ASN A 83 -3.80 34.38 -21.25
CA ASN A 83 -2.60 33.98 -20.53
C ASN A 83 -2.97 33.06 -19.38
N GLY A 84 -1.97 32.34 -18.87
CA GLY A 84 -2.24 31.42 -17.79
C GLY A 84 -2.17 32.05 -16.41
N ARG A 85 -2.50 33.34 -16.32
CA ARG A 85 -2.36 34.02 -15.04
C ARG A 85 -3.59 34.84 -14.62
N ASP A 86 -4.24 35.52 -15.55
CA ASP A 86 -5.24 36.51 -15.19
C ASP A 86 -6.65 35.92 -15.24
N PHE A 87 -7.49 36.36 -14.31
CA PHE A 87 -8.87 35.93 -14.24
C PHE A 87 -9.76 37.14 -13.98
N HIS A 88 -10.95 37.11 -14.55
CA HIS A 88 -11.94 38.17 -14.37
C HIS A 88 -13.09 37.63 -13.54
N MET A 89 -13.32 38.29 -12.41
CA MET A 89 -14.44 37.97 -11.51
C MET A 89 -15.41 39.15 -11.56
N SER A 90 -16.59 38.92 -12.12
CA SER A 90 -17.55 39.99 -12.33
C SER A 90 -18.88 39.66 -11.67
N VAL A 91 -19.42 40.62 -10.92
CA VAL A 91 -20.82 40.58 -10.54
C VAL A 91 -21.63 41.28 -11.62
N VAL A 92 -22.68 40.63 -12.09
CA VAL A 92 -23.51 41.17 -13.16
C VAL A 92 -24.63 41.96 -12.52
N ARG A 93 -24.76 43.24 -12.89
CA ARG A 93 -25.81 44.13 -12.38
C ARG A 93 -25.74 44.19 -10.84
N ALA A 94 -24.65 44.79 -10.38
CA ALA A 94 -24.40 44.90 -8.95
C ALA A 94 -25.56 45.61 -8.25
N ARG A 95 -25.96 45.05 -7.11
CA ARG A 95 -26.98 45.65 -6.26
C ARG A 95 -26.32 46.35 -5.08
N ARG A 96 -27.13 47.15 -4.36
CA ARG A 96 -26.60 47.90 -3.24
C ARG A 96 -25.99 46.99 -2.18
N ASN A 97 -26.63 45.84 -1.93
CA ASN A 97 -26.15 44.92 -0.91
C ASN A 97 -25.08 43.97 -1.43
N ASP A 98 -24.63 44.11 -2.68
CA ASP A 98 -23.41 43.46 -3.10
C ASP A 98 -22.17 44.13 -2.54
N SER A 99 -22.31 45.33 -1.98
CA SER A 99 -21.19 46.01 -1.36
C SER A 99 -20.64 45.17 -0.22
N GLY A 100 -19.33 44.98 -0.20
CA GLY A 100 -18.72 44.19 0.86
C GLY A 100 -17.27 43.91 0.55
N THR A 101 -16.74 42.90 1.24
CA THR A 101 -15.34 42.54 1.15
C THR A 101 -15.19 41.23 0.40
N TYR A 102 -14.35 41.24 -0.64
CA TYR A 102 -14.13 40.06 -1.47
C TYR A 102 -12.66 39.67 -1.47
N LEU A 103 -12.39 38.46 -1.95
CA LEU A 103 -11.04 37.96 -2.07
C LEU A 103 -11.07 36.73 -2.97
N CYS A 104 -9.88 36.32 -3.42
CA CYS A 104 -9.74 35.08 -4.18
C CYS A 104 -8.69 34.21 -3.50
N GLY A 105 -9.00 32.93 -3.40
CA GLY A 105 -8.10 31.96 -2.78
C GLY A 105 -7.67 30.90 -3.77
N ALA A 106 -6.38 30.58 -3.75
CA ALA A 106 -5.80 29.53 -4.59
C ALA A 106 -5.55 28.29 -3.73
N ILE A 107 -6.02 27.15 -4.21
CA ILE A 107 -5.90 25.88 -3.50
C ILE A 107 -5.08 24.96 -4.39
N SER A 108 -3.80 24.78 -4.06
CA SER A 108 -2.95 23.84 -4.75
C SER A 108 -3.11 22.46 -4.11
N LEU A 109 -3.62 21.50 -4.88
CA LEU A 109 -3.83 20.15 -4.36
C LEU A 109 -2.57 19.30 -4.39
N ALA A 110 -1.77 19.42 -5.46
CA ALA A 110 -0.53 18.68 -5.58
C ALA A 110 0.32 19.37 -6.64
N PRO A 111 1.66 19.35 -6.50
CA PRO A 111 2.40 18.72 -5.41
C PRO A 111 2.51 19.59 -4.17
N LYS A 112 2.30 18.99 -2.99
CA LYS A 112 2.27 19.66 -1.68
C LYS A 112 1.12 20.63 -1.46
N ALA A 113 -0.02 20.10 -1.02
CA ALA A 113 -1.20 20.85 -0.60
C ALA A 113 -0.93 22.17 0.13
N GLN A 114 -1.63 23.22 -0.30
CA GLN A 114 -1.39 24.57 0.18
C GLN A 114 -2.59 25.44 -0.20
N ILE A 115 -3.00 26.31 0.72
CA ILE A 115 -4.07 27.26 0.48
C ILE A 115 -3.51 28.66 0.69
N LYS A 116 -3.65 29.51 -0.33
CA LYS A 116 -3.10 30.86 -0.32
C LYS A 116 -4.19 31.83 -0.75
N GLU A 117 -4.50 32.79 0.11
CA GLU A 117 -5.52 33.79 -0.14
C GLU A 117 -4.89 35.10 -0.60
N SER A 118 -5.67 35.89 -1.32
CA SER A 118 -5.26 37.24 -1.68
C SER A 118 -5.53 38.19 -0.52
N LEU A 119 -5.07 39.43 -0.67
CA LEU A 119 -5.55 40.47 0.21
C LEU A 119 -7.01 40.78 -0.10
N ARG A 120 -7.71 41.32 0.90
CA ARG A 120 -9.12 41.61 0.75
C ARG A 120 -9.32 42.89 -0.08
N ALA A 121 -10.29 42.85 -0.98
CA ALA A 121 -10.69 44.00 -1.76
C ALA A 121 -12.12 44.38 -1.40
N GLU A 122 -12.43 45.66 -1.54
CA GLU A 122 -13.73 46.21 -1.20
C GLU A 122 -14.46 46.62 -2.46
N LEU A 123 -15.74 46.22 -2.55
CA LEU A 123 -16.64 46.70 -3.59
C LEU A 123 -17.66 47.64 -2.95
N ARG A 124 -17.82 48.83 -3.54
CA ARG A 124 -18.83 49.80 -3.12
C ARG A 124 -19.80 50.01 -4.26
N VAL A 125 -21.10 49.92 -3.96
CA VAL A 125 -22.16 50.10 -4.94
C VAL A 125 -22.98 51.31 -4.54
N THR A 126 -22.96 52.35 -5.37
CA THR A 126 -23.60 53.61 -5.05
C THR A 126 -24.97 53.69 -5.70
N GLU A 127 -25.78 54.63 -5.21
CA GLU A 127 -27.16 54.77 -5.66
C GLU A 127 -27.22 55.42 -7.03
N ARG A 128 -28.13 54.95 -7.88
CA ARG A 128 -28.32 55.53 -9.19
C ARG A 128 -29.19 56.80 -9.09
N ARG A 129 -28.88 57.78 -9.92
CA ARG A 129 -29.63 59.03 -9.93
C ARG A 129 -30.77 58.99 -10.96
N GLN B 1 -1.99 14.09 14.91
CA GLN B 1 -2.30 12.67 14.77
C GLN B 1 -3.80 12.46 14.56
N GLY B 2 -4.32 11.34 15.05
CA GLY B 2 -5.66 10.88 14.75
C GLY B 2 -5.62 9.47 14.20
N GLN B 3 -6.65 9.11 13.45
CA GLN B 3 -6.78 7.73 12.99
C GLN B 3 -7.50 7.69 11.65
N LEU B 4 -7.25 6.62 10.91
CA LEU B 4 -7.90 6.37 9.63
C LEU B 4 -8.30 4.90 9.59
N VAL B 5 -9.60 4.64 9.42
CA VAL B 5 -10.13 3.28 9.34
C VAL B 5 -10.78 3.12 7.98
N GLN B 6 -10.35 2.12 7.22
CA GLN B 6 -10.87 1.88 5.88
C GLN B 6 -11.85 0.71 5.88
N SER B 7 -12.66 0.65 4.82
CA SER B 7 -13.66 -0.41 4.67
C SER B 7 -12.98 -1.76 4.46
N GLY B 8 -13.76 -2.83 4.62
CA GLY B 8 -13.23 -4.18 4.60
C GLY B 8 -12.78 -4.63 3.21
N ALA B 9 -12.34 -5.89 3.16
CA ALA B 9 -11.80 -6.44 1.92
C ALA B 9 -12.88 -6.51 0.84
N GLU B 10 -12.43 -6.55 -0.40
CA GLU B 10 -13.31 -6.55 -1.55
C GLU B 10 -12.82 -7.54 -2.60
N VAL B 11 -13.74 -8.23 -3.24
CA VAL B 11 -13.45 -9.13 -4.35
C VAL B 11 -14.43 -8.85 -5.47
N LYS B 12 -13.91 -8.64 -6.69
CA LYS B 12 -14.73 -8.20 -7.81
C LYS B 12 -14.28 -8.87 -9.10
N LYS B 13 -15.20 -9.00 -10.04
CA LYS B 13 -14.92 -9.59 -11.33
C LYS B 13 -14.20 -8.58 -12.24
N PRO B 14 -13.46 -9.06 -13.23
CA PRO B 14 -12.79 -8.14 -14.15
C PRO B 14 -13.79 -7.27 -14.89
N GLY B 15 -13.56 -5.96 -14.86
CA GLY B 15 -14.42 -5.00 -15.51
C GLY B 15 -15.44 -4.34 -14.60
N ALA B 16 -15.58 -4.83 -13.36
CA ALA B 16 -16.52 -4.25 -12.42
C ALA B 16 -15.89 -3.01 -11.79
N SER B 17 -16.54 -2.50 -10.75
CA SER B 17 -16.05 -1.34 -10.03
C SER B 17 -16.09 -1.62 -8.53
N VAL B 18 -15.22 -0.94 -7.79
CA VAL B 18 -15.13 -1.06 -6.35
C VAL B 18 -15.09 0.35 -5.76
N LYS B 19 -15.68 0.50 -4.58
CA LYS B 19 -15.67 1.77 -3.86
C LYS B 19 -15.23 1.51 -2.43
N VAL B 20 -14.11 2.08 -2.02
CA VAL B 20 -13.57 1.87 -0.68
C VAL B 20 -13.57 3.21 0.05
N SER B 21 -13.90 3.18 1.34
CA SER B 21 -14.03 4.37 2.16
C SER B 21 -12.88 4.48 3.15
N CYS B 22 -12.82 5.65 3.81
CA CYS B 22 -11.74 5.97 4.72
C CYS B 22 -12.28 6.96 5.74
N LYS B 23 -12.51 6.50 6.96
CA LYS B 23 -13.11 7.31 8.02
C LYS B 23 -12.03 7.87 8.93
N ALA B 24 -12.08 9.18 9.18
CA ALA B 24 -11.10 9.88 9.98
C ALA B 24 -11.66 10.23 11.37
N SER B 25 -10.78 10.21 12.37
CA SER B 25 -11.15 10.62 13.70
C SER B 25 -9.90 11.07 14.44
N GLY B 26 -10.09 11.99 15.38
CA GLY B 26 -9.00 12.43 16.22
C GLY B 26 -8.29 13.68 15.75
N TYR B 27 -8.70 14.23 14.61
CA TYR B 27 -8.14 15.47 14.11
C TYR B 27 -9.20 16.19 13.29
N THR B 28 -8.91 17.45 12.98
CA THR B 28 -9.81 18.27 12.17
C THR B 28 -9.72 17.85 10.71
N PHE B 29 -10.85 17.42 10.15
CA PHE B 29 -10.85 16.84 8.81
C PHE B 29 -10.38 17.85 7.78
N THR B 30 -10.92 19.06 7.82
CA THR B 30 -10.65 20.03 6.77
C THR B 30 -9.26 20.64 6.84
N ASP B 31 -8.48 20.34 7.88
CA ASP B 31 -7.11 20.80 7.96
C ASP B 31 -6.16 19.98 7.10
N TYR B 32 -6.66 18.96 6.42
CA TYR B 32 -5.82 17.97 5.76
C TYR B 32 -6.42 17.61 4.41
N GLU B 33 -5.57 17.19 3.49
CA GLU B 33 -6.01 16.51 2.29
C GLU B 33 -5.95 15.00 2.51
N MET B 34 -6.67 14.27 1.67
CA MET B 34 -6.69 12.81 1.74
C MET B 34 -6.21 12.23 0.41
N HIS B 35 -5.08 11.52 0.45
CA HIS B 35 -4.52 10.83 -0.71
C HIS B 35 -4.90 9.36 -0.71
N TRP B 36 -4.74 8.72 -1.88
CA TRP B 36 -4.97 7.29 -2.02
C TRP B 36 -3.76 6.68 -2.72
N VAL B 37 -3.27 5.57 -2.17
CA VAL B 37 -2.04 4.94 -2.61
C VAL B 37 -2.29 3.45 -2.78
N ARG B 38 -1.70 2.88 -3.83
CA ARG B 38 -1.84 1.48 -4.16
C ARG B 38 -0.54 0.75 -3.87
N GLN B 39 -0.64 -0.53 -3.51
CA GLN B 39 0.55 -1.37 -3.31
C GLN B 39 0.29 -2.76 -3.84
N ALA B 40 1.07 -3.17 -4.84
CA ALA B 40 1.00 -4.51 -5.41
C ALA B 40 2.41 -4.92 -5.82
N PRO B 41 2.71 -6.23 -5.80
CA PRO B 41 4.08 -6.65 -6.09
C PRO B 41 4.58 -6.27 -7.47
N ILE B 42 3.73 -6.35 -8.51
CA ILE B 42 4.14 -5.96 -9.85
C ILE B 42 4.26 -4.44 -10.01
N HIS B 43 3.85 -3.68 -9.00
CA HIS B 43 3.70 -2.23 -9.12
C HIS B 43 4.43 -1.42 -8.06
N GLY B 44 4.74 -1.99 -6.89
CA GLY B 44 5.26 -1.22 -5.80
C GLY B 44 4.19 -0.30 -5.22
N LEU B 45 4.66 0.69 -4.45
CA LEU B 45 3.78 1.75 -3.94
C LEU B 45 3.61 2.80 -5.03
N GLU B 46 2.37 3.08 -5.41
CA GLU B 46 2.08 4.10 -6.41
C GLU B 46 0.94 4.98 -5.94
N TRP B 47 1.06 6.26 -6.28
CA TRP B 47 0.10 7.28 -5.87
C TRP B 47 -1.06 7.32 -6.85
N ILE B 48 -2.28 7.37 -6.32
CA ILE B 48 -3.49 7.35 -7.15
C ILE B 48 -4.00 8.77 -7.32
N GLY B 49 -4.31 9.44 -6.21
CA GLY B 49 -4.83 10.79 -6.32
C GLY B 49 -5.03 11.41 -4.94
N VAL B 50 -5.60 12.61 -4.94
CA VAL B 50 -5.80 13.37 -3.71
C VAL B 50 -7.05 14.23 -3.85
N ILE B 51 -7.75 14.42 -2.73
CA ILE B 51 -8.92 15.29 -2.65
C ILE B 51 -8.72 16.30 -1.52
N GLU B 52 -9.16 17.54 -1.76
CA GLU B 52 -9.27 18.54 -0.72
C GLU B 52 -10.74 18.61 -0.32
N SER B 53 -11.04 18.31 0.94
CA SER B 53 -12.42 18.13 1.38
C SER B 53 -13.25 19.39 1.18
N GLU B 54 -12.71 20.55 1.53
CA GLU B 54 -13.51 21.77 1.56
C GLU B 54 -14.02 22.15 0.17
N THR B 55 -13.13 22.17 -0.82
CA THR B 55 -13.50 22.59 -2.17
C THR B 55 -13.96 21.44 -3.05
N GLY B 56 -13.76 20.20 -2.63
CA GLY B 56 -14.04 19.08 -3.51
C GLY B 56 -13.08 18.94 -4.66
N GLY B 57 -11.98 19.70 -4.66
CA GLY B 57 -11.01 19.59 -5.75
C GLY B 57 -10.21 18.30 -5.67
N THR B 58 -9.91 17.73 -6.84
CA THR B 58 -9.20 16.47 -6.95
C THR B 58 -8.08 16.58 -7.97
N ALA B 59 -7.06 15.77 -7.78
CA ALA B 59 -5.94 15.64 -8.70
C ALA B 59 -5.57 14.17 -8.76
N TYR B 60 -5.40 13.67 -9.97
CA TYR B 60 -5.23 12.25 -10.22
C TYR B 60 -3.92 11.99 -10.95
N ASN B 61 -3.35 10.82 -10.69
CA ASN B 61 -2.25 10.33 -11.51
C ASN B 61 -2.77 10.04 -12.91
N GLN B 62 -2.04 10.49 -13.93
CA GLN B 62 -2.47 10.30 -15.31
C GLN B 62 -2.72 8.82 -15.62
N LYS B 63 -2.06 7.92 -14.89
CA LYS B 63 -2.25 6.49 -15.12
C LYS B 63 -3.68 6.04 -14.79
N PHE B 64 -4.29 6.65 -13.77
CA PHE B 64 -5.63 6.27 -13.36
C PHE B 64 -6.71 7.29 -13.72
N LYS B 65 -6.31 8.50 -14.12
CA LYS B 65 -7.28 9.53 -14.48
C LYS B 65 -8.18 9.01 -15.60
N GLY B 66 -9.49 9.06 -15.37
CA GLY B 66 -10.46 8.53 -16.30
C GLY B 66 -11.22 7.33 -15.77
N ARG B 67 -10.67 6.61 -14.78
CA ARG B 67 -11.37 5.48 -14.20
C ARG B 67 -11.27 5.46 -12.68
N VAL B 68 -10.97 6.59 -12.05
CA VAL B 68 -10.97 6.71 -10.61
C VAL B 68 -11.67 8.01 -10.24
N THR B 69 -12.54 7.94 -9.23
CA THR B 69 -13.19 9.12 -8.68
C THR B 69 -12.95 9.13 -7.18
N ILE B 70 -12.45 10.24 -6.66
CA ILE B 70 -12.19 10.42 -5.24
C ILE B 70 -13.15 11.48 -4.72
N THR B 71 -13.95 11.11 -3.72
CA THR B 71 -14.92 12.01 -3.11
C THR B 71 -14.70 12.07 -1.61
N ALA B 72 -15.19 13.14 -0.99
CA ALA B 72 -15.05 13.34 0.45
C ALA B 72 -16.29 14.02 0.99
N ASP B 73 -16.77 13.53 2.13
CA ASP B 73 -17.92 14.10 2.83
C ASP B 73 -17.41 14.72 4.13
N LYS B 74 -17.26 16.04 4.13
CA LYS B 74 -16.70 16.72 5.31
C LYS B 74 -17.58 16.52 6.54
N SER B 75 -18.90 16.36 6.35
CA SER B 75 -19.78 16.25 7.50
C SER B 75 -19.57 14.95 8.26
N THR B 76 -19.14 13.89 7.57
CA THR B 76 -18.89 12.59 8.19
C THR B 76 -17.42 12.23 8.24
N SER B 77 -16.53 13.13 7.84
CA SER B 77 -15.08 12.90 7.90
C SER B 77 -14.67 11.64 7.15
N THR B 78 -15.37 11.36 6.05
CA THR B 78 -15.12 10.15 5.26
C THR B 78 -14.68 10.53 3.85
N ALA B 79 -13.60 9.91 3.38
CA ALA B 79 -13.18 10.00 2.00
C ALA B 79 -13.49 8.68 1.29
N TYR B 80 -13.66 8.75 -0.02
CA TYR B 80 -14.04 7.59 -0.82
C TYR B 80 -13.13 7.49 -2.03
N MET B 81 -13.18 6.33 -2.67
CA MET B 81 -12.27 6.02 -3.77
C MET B 81 -12.94 4.95 -4.62
N GLU B 82 -13.30 5.30 -5.85
CA GLU B 82 -14.07 4.43 -6.73
C GLU B 82 -13.23 4.11 -7.97
N LEU B 83 -12.85 2.84 -8.12
CA LEU B 83 -12.10 2.36 -9.28
C LEU B 83 -13.05 1.62 -10.22
N SER B 84 -13.14 2.10 -11.45
CA SER B 84 -14.01 1.48 -12.45
C SER B 84 -13.18 0.72 -13.46
N SER B 85 -13.87 -0.14 -14.22
CA SER B 85 -13.25 -0.99 -15.23
C SER B 85 -12.04 -1.74 -14.64
N LEU B 86 -12.34 -2.56 -13.63
CA LEU B 86 -11.29 -3.27 -12.91
C LEU B 86 -10.62 -4.30 -13.81
N ARG B 87 -9.30 -4.39 -13.70
CA ARG B 87 -8.52 -5.41 -14.38
C ARG B 87 -7.88 -6.30 -13.34
N SER B 88 -7.46 -7.49 -13.76
CA SER B 88 -6.84 -8.44 -12.84
C SER B 88 -5.64 -7.81 -12.11
N GLU B 89 -4.90 -6.95 -12.81
CA GLU B 89 -3.71 -6.27 -12.30
C GLU B 89 -4.04 -5.19 -11.27
N ASP B 90 -5.32 -4.85 -11.11
CA ASP B 90 -5.74 -3.93 -10.06
C ASP B 90 -5.75 -4.60 -8.69
N THR B 91 -5.51 -5.90 -8.63
CA THR B 91 -5.43 -6.58 -7.35
C THR B 91 -4.27 -6.03 -6.54
N ALA B 92 -4.58 -5.46 -5.38
CA ALA B 92 -3.59 -4.74 -4.59
C ALA B 92 -4.19 -4.42 -3.23
N VAL B 93 -3.39 -3.80 -2.38
CA VAL B 93 -3.83 -3.20 -1.13
C VAL B 93 -3.94 -1.69 -1.35
N TYR B 94 -5.06 -1.12 -0.93
CA TYR B 94 -5.37 0.29 -1.14
C TYR B 94 -5.35 1.02 0.19
N TYR B 95 -4.51 2.05 0.29
CA TYR B 95 -4.35 2.85 1.48
C TYR B 95 -4.88 4.26 1.24
N CYS B 96 -5.42 4.87 2.29
CA CYS B 96 -5.63 6.30 2.34
C CYS B 96 -4.63 6.90 3.32
N ALA B 97 -4.19 8.12 3.03
CA ALA B 97 -3.20 8.79 3.85
C ALA B 97 -3.47 10.29 3.81
N ARG B 98 -3.32 10.94 4.95
CA ARG B 98 -3.57 12.37 5.06
C ARG B 98 -2.32 13.18 4.72
N GLU B 99 -2.53 14.45 4.40
CA GLU B 99 -1.43 15.39 4.22
C GLU B 99 -1.86 16.74 4.75
N GLY B 100 -1.04 17.33 5.62
CA GLY B 100 -1.33 18.63 6.17
C GLY B 100 -1.37 19.70 5.10
N ILE B 101 -2.41 20.53 5.13
CA ILE B 101 -2.53 21.63 4.19
C ILE B 101 -1.73 22.82 4.72
N THR B 102 -0.72 23.23 3.97
CA THR B 102 0.04 24.41 4.38
C THR B 102 -0.82 25.66 4.26
N THR B 103 -0.84 26.45 5.32
CA THR B 103 -1.65 27.65 5.39
C THR B 103 -0.77 28.77 5.94
N VAL B 104 -1.33 29.97 6.10
CA VAL B 104 -0.53 31.04 6.66
C VAL B 104 -0.37 30.88 8.16
N ALA B 105 -1.19 30.04 8.78
CA ALA B 105 -1.09 29.76 10.21
C ALA B 105 -0.23 28.55 10.53
N THR B 106 -0.08 27.63 9.58
CA THR B 106 0.59 26.36 9.80
C THR B 106 1.29 25.93 8.52
N THR B 107 2.50 25.41 8.65
CA THR B 107 3.30 24.94 7.53
C THR B 107 3.57 23.46 7.71
N TYR B 108 3.32 22.66 6.66
CA TYR B 108 3.55 21.23 6.69
C TYR B 108 4.67 20.89 5.73
N TYR B 109 5.77 20.35 6.25
CA TYR B 109 6.90 19.95 5.42
C TYR B 109 6.88 18.48 5.03
N TRP B 110 5.97 17.69 5.60
CA TRP B 110 5.92 16.26 5.36
C TRP B 110 4.60 15.89 4.69
N TYR B 111 4.55 14.69 4.13
CA TYR B 111 3.33 14.24 3.45
C TYR B 111 2.43 13.33 4.28
N PHE B 112 2.88 12.10 4.58
CA PHE B 112 1.97 11.03 5.01
C PHE B 112 2.34 10.60 6.42
N ASP B 113 1.82 11.32 7.42
CA ASP B 113 2.12 11.00 8.81
C ASP B 113 1.13 10.01 9.42
N VAL B 114 -0.05 9.86 8.82
CA VAL B 114 -1.06 8.92 9.30
C VAL B 114 -1.64 8.16 8.11
N TRP B 115 -1.71 6.84 8.22
CA TRP B 115 -2.21 5.98 7.17
C TRP B 115 -3.35 5.11 7.69
N GLY B 116 -4.29 4.80 6.81
CA GLY B 116 -5.25 3.76 7.11
C GLY B 116 -4.59 2.39 7.16
N GLN B 117 -5.35 1.40 7.63
CA GLN B 117 -4.81 0.05 7.77
C GLN B 117 -4.76 -0.70 6.45
N GLY B 118 -5.33 -0.17 5.38
CA GLY B 118 -5.27 -0.85 4.11
C GLY B 118 -6.55 -1.61 3.82
N THR B 119 -6.88 -1.70 2.52
CA THR B 119 -8.04 -2.44 2.05
C THR B 119 -7.59 -3.33 0.91
N THR B 120 -7.91 -4.62 1.00
CA THR B 120 -7.54 -5.58 -0.02
C THR B 120 -8.61 -5.67 -1.09
N VAL B 121 -8.21 -5.48 -2.34
CA VAL B 121 -9.11 -5.63 -3.48
C VAL B 121 -8.51 -6.69 -4.39
N THR B 122 -9.24 -7.78 -4.59
CA THR B 122 -8.84 -8.85 -5.50
C THR B 122 -9.77 -8.84 -6.71
N VAL B 123 -9.19 -8.76 -7.90
CA VAL B 123 -9.94 -8.80 -9.16
C VAL B 123 -9.67 -10.14 -9.83
N SER B 124 -10.71 -10.95 -10.01
CA SER B 124 -10.55 -12.28 -10.56
C SER B 124 -11.86 -12.75 -11.16
N SER B 125 -11.75 -13.59 -12.20
CA SER B 125 -12.90 -14.25 -12.78
C SER B 125 -13.33 -15.48 -11.99
N ALA B 126 -12.54 -15.91 -11.02
CA ALA B 126 -12.86 -17.09 -10.24
C ALA B 126 -14.12 -16.86 -9.40
N SER B 127 -14.69 -17.96 -8.93
CA SER B 127 -15.90 -17.94 -8.13
C SER B 127 -15.62 -18.51 -6.75
N THR B 128 -16.40 -18.04 -5.76
CA THR B 128 -16.20 -18.43 -4.37
C THR B 128 -16.31 -19.95 -4.22
N LYS B 129 -15.25 -20.56 -3.69
CA LYS B 129 -15.22 -22.00 -3.45
C LYS B 129 -14.41 -22.30 -2.19
N GLY B 130 -14.99 -23.10 -1.29
CA GLY B 130 -14.31 -23.50 -0.08
C GLY B 130 -13.18 -24.48 -0.35
N PRO B 131 -12.27 -24.63 0.62
CA PRO B 131 -11.07 -25.41 0.40
C PRO B 131 -11.25 -26.90 0.65
N SER B 132 -10.47 -27.68 -0.10
CA SER B 132 -10.30 -29.10 0.17
C SER B 132 -9.09 -29.26 1.08
N VAL B 133 -9.31 -29.86 2.26
CA VAL B 133 -8.26 -30.04 3.25
C VAL B 133 -7.78 -31.49 3.21
N PHE B 134 -6.47 -31.66 3.08
CA PHE B 134 -5.85 -32.98 2.99
C PHE B 134 -4.73 -33.10 4.02
N PRO B 135 -4.53 -34.29 4.57
CA PRO B 135 -3.49 -34.46 5.59
C PRO B 135 -2.11 -34.60 4.99
N LEU B 136 -1.12 -34.13 5.74
CA LEU B 136 0.29 -34.21 5.37
C LEU B 136 1.04 -34.99 6.45
N ALA B 137 1.21 -36.29 6.22
CA ALA B 137 1.88 -37.18 7.14
C ALA B 137 2.99 -37.92 6.40
N PRO B 138 4.08 -38.28 7.06
CA PRO B 138 5.15 -38.99 6.41
C PRO B 138 4.82 -40.47 6.10
N CYS B 139 5.43 -41.02 5.05
CA CYS B 139 5.24 -42.42 4.66
C CYS B 139 6.04 -43.33 5.60
N SER B 146 14.43 -37.44 16.14
CA SER B 146 13.35 -37.68 17.10
C SER B 146 12.28 -36.61 17.00
N THR B 147 12.26 -35.90 15.87
CA THR B 147 11.30 -34.84 15.60
C THR B 147 10.58 -35.13 14.30
N ALA B 148 9.25 -35.14 14.36
CA ALA B 148 8.43 -35.42 13.19
C ALA B 148 7.70 -34.16 12.75
N ALA B 149 7.34 -34.13 11.47
CA ALA B 149 6.60 -33.03 10.88
C ALA B 149 5.25 -33.53 10.38
N LEU B 150 4.20 -32.79 10.71
CA LEU B 150 2.84 -33.04 10.22
C LEU B 150 2.28 -31.76 9.64
N GLY B 151 1.20 -31.87 8.87
CA GLY B 151 0.67 -30.67 8.25
C GLY B 151 -0.65 -30.92 7.56
N CYS B 152 -1.16 -29.85 6.95
CA CYS B 152 -2.41 -29.84 6.22
C CYS B 152 -2.22 -29.08 4.92
N LEU B 153 -2.72 -29.64 3.83
CA LEU B 153 -2.70 -28.99 2.53
C LEU B 153 -4.08 -28.40 2.29
N VAL B 154 -4.16 -27.07 2.31
CA VAL B 154 -5.40 -26.35 2.05
C VAL B 154 -5.39 -25.93 0.59
N LYS B 155 -6.23 -26.58 -0.22
CA LYS B 155 -6.09 -26.53 -1.67
C LYS B 155 -7.38 -26.06 -2.33
N ASP B 156 -7.22 -25.32 -3.43
CA ASP B 156 -8.30 -24.98 -4.36
C ASP B 156 -9.43 -24.22 -3.66
N TYR B 157 -9.10 -23.04 -3.15
CA TYR B 157 -10.08 -22.16 -2.53
C TYR B 157 -9.94 -20.76 -3.11
N PHE B 158 -11.01 -19.98 -2.97
CA PHE B 158 -11.11 -18.62 -3.45
C PHE B 158 -12.28 -17.91 -2.80
N PRO B 159 -12.12 -16.66 -2.35
CA PRO B 159 -10.85 -15.94 -2.38
C PRO B 159 -10.11 -16.07 -1.05
N GLU B 160 -9.01 -15.33 -0.92
CA GLU B 160 -8.36 -15.19 0.36
C GLU B 160 -9.31 -14.48 1.34
N PRO B 161 -9.15 -14.70 2.66
CA PRO B 161 -8.21 -15.61 3.30
C PRO B 161 -8.86 -16.83 3.97
N VAL B 162 -8.01 -17.79 4.34
CA VAL B 162 -8.38 -18.85 5.27
C VAL B 162 -7.54 -18.67 6.53
N THR B 163 -8.00 -19.27 7.61
CA THR B 163 -7.25 -19.30 8.85
C THR B 163 -7.09 -20.75 9.28
N VAL B 164 -5.85 -21.16 9.55
CA VAL B 164 -5.55 -22.51 9.99
C VAL B 164 -5.04 -22.45 11.41
N SER B 165 -5.64 -23.24 12.29
CA SER B 165 -5.17 -23.39 13.66
C SER B 165 -5.07 -24.86 13.99
N TRP B 166 -4.25 -25.17 15.00
CA TRP B 166 -3.95 -26.55 15.35
C TRP B 166 -4.48 -26.85 16.74
N ASN B 167 -5.26 -27.93 16.85
CA ASN B 167 -5.86 -28.34 18.11
C ASN B 167 -6.63 -27.18 18.75
N SER B 168 -7.36 -26.44 17.90
CA SER B 168 -8.23 -25.35 18.34
C SER B 168 -7.45 -24.28 19.11
N GLY B 169 -6.27 -23.92 18.62
CA GLY B 169 -5.47 -22.88 19.20
C GLY B 169 -4.54 -23.32 20.31
N ALA B 170 -4.70 -24.54 20.83
CA ALA B 170 -3.84 -25.01 21.91
C ALA B 170 -2.41 -25.19 21.43
N LEU B 171 -2.24 -25.67 20.20
CA LEU B 171 -0.92 -25.96 19.65
C LEU B 171 -0.50 -24.80 18.76
N THR B 172 0.42 -23.98 19.26
CA THR B 172 0.98 -22.87 18.50
C THR B 172 2.49 -22.95 18.33
N SER B 173 3.19 -23.69 19.18
CA SER B 173 4.65 -23.76 19.09
C SER B 173 5.06 -24.60 17.89
N GLY B 174 5.93 -24.03 17.05
CA GLY B 174 6.44 -24.75 15.89
C GLY B 174 5.50 -24.83 14.72
N VAL B 175 4.53 -23.92 14.61
CA VAL B 175 3.55 -23.94 13.54
C VAL B 175 3.99 -22.97 12.45
N HIS B 176 3.97 -23.44 11.20
CA HIS B 176 4.31 -22.61 10.05
C HIS B 176 3.16 -22.69 9.05
N THR B 177 2.44 -21.58 8.89
CA THR B 177 1.42 -21.46 7.86
C THR B 177 1.98 -20.58 6.75
N PHE B 178 2.17 -21.17 5.56
CA PHE B 178 2.82 -20.47 4.47
C PHE B 178 1.84 -19.56 3.74
N PRO B 179 2.34 -18.48 3.13
CA PRO B 179 1.46 -17.63 2.32
C PRO B 179 0.90 -18.41 1.14
N ALA B 180 -0.35 -18.10 0.80
CA ALA B 180 -1.02 -18.79 -0.29
C ALA B 180 -0.42 -18.39 -1.64
N VAL B 181 -0.45 -19.33 -2.58
CA VAL B 181 0.02 -19.10 -3.94
C VAL B 181 -1.15 -19.28 -4.89
N LEU B 182 -1.29 -18.36 -5.84
CA LEU B 182 -2.35 -18.41 -6.83
C LEU B 182 -1.97 -19.40 -7.92
N GLN B 183 -2.70 -20.50 -8.01
CA GLN B 183 -2.45 -21.49 -9.04
C GLN B 183 -2.96 -21.03 -10.39
N SER B 184 -2.64 -21.81 -11.43
CA SER B 184 -3.07 -21.48 -12.79
C SER B 184 -4.59 -21.52 -12.94
N SER B 185 -5.29 -22.24 -12.08
CA SER B 185 -6.74 -22.33 -12.12
C SER B 185 -7.44 -21.11 -11.55
N GLY B 186 -6.70 -20.07 -11.18
CA GLY B 186 -7.28 -18.95 -10.48
C GLY B 186 -7.65 -19.22 -9.04
N LEU B 187 -7.29 -20.39 -8.51
CA LEU B 187 -7.60 -20.78 -7.14
C LEU B 187 -6.34 -20.77 -6.30
N TYR B 188 -6.52 -20.62 -4.99
CA TYR B 188 -5.41 -20.50 -4.05
C TYR B 188 -5.12 -21.84 -3.39
N SER B 189 -3.84 -22.06 -3.11
CA SER B 189 -3.38 -23.26 -2.42
C SER B 189 -2.43 -22.86 -1.29
N LEU B 190 -2.46 -23.62 -0.21
CA LEU B 190 -1.75 -23.23 1.00
C LEU B 190 -1.43 -24.47 1.84
N SER B 191 -0.25 -24.48 2.44
CA SER B 191 0.16 -25.56 3.35
C SER B 191 0.50 -24.98 4.72
N SER B 192 0.08 -25.70 5.76
CA SER B 192 0.41 -25.36 7.13
C SER B 192 1.00 -26.59 7.79
N VAL B 193 2.19 -26.43 8.39
CA VAL B 193 2.92 -27.54 8.98
C VAL B 193 3.17 -27.23 10.45
N VAL B 194 3.64 -28.26 11.16
CA VAL B 194 3.95 -28.20 12.59
C VAL B 194 4.96 -29.30 12.89
N THR B 195 5.91 -29.00 13.80
CA THR B 195 6.98 -29.91 14.17
C THR B 195 6.72 -30.40 15.60
N VAL B 196 6.60 -31.71 15.76
CA VAL B 196 6.28 -32.33 17.05
C VAL B 196 7.37 -33.33 17.39
N PRO B 197 7.52 -33.70 18.65
CA PRO B 197 8.46 -34.78 18.98
C PRO B 197 7.95 -36.12 18.47
N SER B 198 8.86 -36.93 17.93
CA SER B 198 8.46 -38.23 17.39
C SER B 198 7.82 -39.11 18.44
N SER B 199 8.15 -38.90 19.71
CA SER B 199 7.60 -39.72 20.78
C SER B 199 6.09 -39.51 20.98
N SER B 200 5.54 -38.42 20.46
CA SER B 200 4.14 -38.08 20.68
C SER B 200 3.25 -38.45 19.51
N LEU B 201 3.76 -39.23 18.55
CA LEU B 201 2.97 -39.57 17.37
C LEU B 201 1.74 -40.42 17.71
N GLY B 202 1.85 -41.28 18.72
CA GLY B 202 0.72 -42.12 19.10
C GLY B 202 -0.02 -41.67 20.33
N THR B 203 0.51 -40.65 21.03
CA THR B 203 -0.09 -40.20 22.27
C THR B 203 -1.13 -39.11 22.03
N LYS B 204 -0.80 -38.11 21.22
CA LYS B 204 -1.66 -36.94 21.01
C LYS B 204 -2.39 -37.03 19.69
N THR B 205 -3.52 -36.32 19.62
CA THR B 205 -4.27 -36.12 18.40
C THR B 205 -3.94 -34.76 17.83
N TYR B 206 -3.64 -34.71 16.53
CA TYR B 206 -3.26 -33.47 15.86
C TYR B 206 -4.30 -33.17 14.79
N THR B 207 -5.05 -32.08 14.98
CA THR B 207 -6.16 -31.74 14.12
C THR B 207 -5.99 -30.32 13.58
N CYS B 208 -6.21 -30.14 12.28
CA CYS B 208 -6.26 -28.82 11.67
C CYS B 208 -7.64 -28.21 11.84
N ASN B 209 -7.68 -26.88 11.89
CA ASN B 209 -8.92 -26.11 11.95
C ASN B 209 -8.87 -25.08 10.83
N VAL B 210 -9.47 -25.42 9.71
CA VAL B 210 -9.46 -24.57 8.52
C VAL B 210 -10.77 -23.80 8.50
N ASP B 211 -10.68 -22.48 8.56
CA ASP B 211 -11.83 -21.60 8.52
C ASP B 211 -11.75 -20.75 7.25
N HIS B 212 -12.77 -20.83 6.41
CA HIS B 212 -12.86 -20.02 5.18
C HIS B 212 -14.20 -19.28 5.23
N LYS B 213 -14.17 -18.06 5.75
CA LYS B 213 -15.40 -17.28 5.92
C LYS B 213 -16.15 -17.01 4.61
N PRO B 214 -15.50 -16.58 3.52
CA PRO B 214 -16.26 -16.21 2.31
C PRO B 214 -17.20 -17.30 1.80
N SER B 215 -16.83 -18.57 1.95
CA SER B 215 -17.68 -19.67 1.55
C SER B 215 -18.38 -20.35 2.72
N ASN B 216 -18.24 -19.80 3.93
CA ASN B 216 -18.82 -20.38 5.14
C ASN B 216 -18.40 -21.85 5.29
N THR B 217 -17.10 -22.05 5.44
CA THR B 217 -16.50 -23.38 5.46
C THR B 217 -15.64 -23.53 6.70
N LYS B 218 -15.98 -24.49 7.55
CA LYS B 218 -15.15 -24.92 8.67
C LYS B 218 -14.90 -26.41 8.51
N VAL B 219 -13.62 -26.80 8.54
CA VAL B 219 -13.22 -28.19 8.43
C VAL B 219 -12.26 -28.49 9.57
N ASP B 220 -12.50 -29.60 10.28
CA ASP B 220 -11.64 -30.06 11.36
C ASP B 220 -11.03 -31.39 10.91
N LYS B 221 -9.77 -31.32 10.46
CA LYS B 221 -9.10 -32.46 9.84
C LYS B 221 -7.99 -32.97 10.75
N ARG B 222 -8.07 -34.25 11.12
CA ARG B 222 -7.07 -34.86 11.98
C ARG B 222 -5.99 -35.54 11.14
N VAL B 223 -4.76 -35.54 11.64
CA VAL B 223 -3.64 -36.08 10.90
C VAL B 223 -3.08 -37.32 11.57
N ASP C 1 7.72 11.19 -15.72
CA ASP C 1 7.61 10.99 -14.28
C ASP C 1 8.98 10.80 -13.65
N VAL C 2 9.17 11.34 -12.45
CA VAL C 2 10.41 11.12 -11.73
C VAL C 2 10.43 9.69 -11.22
N VAL C 3 11.46 8.94 -11.63
CA VAL C 3 11.64 7.55 -11.24
C VAL C 3 12.62 7.50 -10.08
N MET C 4 12.23 6.84 -8.99
CA MET C 4 13.05 6.74 -7.79
C MET C 4 13.60 5.33 -7.69
N THR C 5 14.93 5.21 -7.62
CA THR C 5 15.59 3.91 -7.62
C THR C 5 16.36 3.73 -6.31
N GLN C 6 16.15 2.59 -5.66
CA GLN C 6 16.79 2.29 -4.39
C GLN C 6 17.87 1.25 -4.57
N SER C 7 18.89 1.32 -3.71
CA SER C 7 20.01 0.39 -3.72
C SER C 7 20.52 0.23 -2.30
N PRO C 8 20.65 -1.02 -1.81
CA PRO C 8 20.29 -2.22 -2.54
C PRO C 8 18.82 -2.54 -2.40
N LEU C 9 18.39 -3.70 -2.90
CA LEU C 9 17.01 -4.15 -2.76
C LEU C 9 16.82 -5.11 -1.60
N SER C 10 17.87 -5.81 -1.19
CA SER C 10 17.85 -6.66 -0.01
C SER C 10 19.08 -6.32 0.82
N LEU C 11 18.86 -6.04 2.11
CA LEU C 11 19.93 -5.61 2.99
C LEU C 11 19.92 -6.46 4.25
N PRO C 12 20.69 -7.55 4.28
CA PRO C 12 20.91 -8.26 5.55
C PRO C 12 22.04 -7.59 6.33
N VAL C 13 21.79 -7.37 7.63
CA VAL C 13 22.75 -6.67 8.48
C VAL C 13 22.74 -7.30 9.87
N THR C 14 23.93 -7.44 10.46
CA THR C 14 24.07 -7.98 11.81
C THR C 14 23.54 -6.98 12.83
N LEU C 15 22.93 -7.50 13.90
CA LEU C 15 22.44 -6.64 14.98
C LEU C 15 23.57 -5.79 15.54
N GLY C 16 23.34 -4.49 15.65
CA GLY C 16 24.30 -3.56 16.19
C GLY C 16 25.16 -2.86 15.15
N GLN C 17 25.19 -3.34 13.93
CA GLN C 17 26.00 -2.76 12.88
C GLN C 17 25.27 -1.62 12.18
N PRO C 18 26.00 -0.75 11.48
CA PRO C 18 25.34 0.30 10.69
C PRO C 18 24.72 -0.26 9.41
N ALA C 19 23.79 0.52 8.85
CA ALA C 19 23.17 0.17 7.59
C ALA C 19 23.02 1.44 6.75
N SER C 20 22.94 1.25 5.43
CA SER C 20 22.85 2.37 4.51
C SER C 20 22.03 1.96 3.29
N ILE C 21 21.10 2.81 2.91
CA ILE C 21 20.27 2.62 1.73
C ILE C 21 20.40 3.85 0.85
N SER C 22 20.64 3.63 -0.44
CA SER C 22 20.75 4.71 -1.40
C SER C 22 19.45 4.89 -2.17
N CYS C 23 19.11 6.15 -2.49
CA CYS C 23 17.98 6.49 -3.33
C CYS C 23 18.46 7.45 -4.40
N ARG C 24 18.13 7.17 -5.65
CA ARG C 24 18.46 8.03 -6.78
C ARG C 24 17.18 8.42 -7.51
N SER C 25 17.08 9.70 -7.87
CA SER C 25 15.94 10.21 -8.63
C SER C 25 16.36 10.45 -10.07
N SER C 26 15.47 10.16 -11.01
CA SER C 26 15.84 10.26 -12.42
C SER C 26 16.11 11.70 -12.83
N GLN C 27 15.66 12.67 -12.04
CA GLN C 27 15.89 14.07 -12.30
C GLN C 27 15.86 14.80 -10.97
N SER C 28 15.99 16.12 -11.03
CA SER C 28 16.00 16.90 -9.79
C SER C 28 14.60 16.92 -9.18
N ILE C 29 14.55 16.92 -7.86
CA ILE C 29 13.28 16.91 -7.14
C ILE C 29 13.20 18.13 -6.23
N VAL C 30 13.76 19.24 -6.66
CA VAL C 30 13.56 20.51 -5.98
C VAL C 30 12.18 21.05 -6.34
N HIS C 31 11.40 21.43 -5.34
CA HIS C 31 10.08 22.00 -5.57
C HIS C 31 10.20 23.46 -6.01
N SER C 32 9.12 23.96 -6.62
CA SER C 32 9.14 25.35 -7.10
C SER C 32 9.29 26.35 -5.96
N ASN C 33 8.99 25.97 -4.72
CA ASN C 33 9.21 26.87 -3.59
C ASN C 33 10.61 26.76 -3.02
N GLY C 34 11.47 25.92 -3.61
CA GLY C 34 12.82 25.75 -3.17
C GLY C 34 13.06 24.54 -2.28
N ASN C 35 12.02 23.94 -1.73
CA ASN C 35 12.16 22.81 -0.84
C ASN C 35 12.35 21.51 -1.62
N THR C 36 13.02 20.55 -0.99
CA THR C 36 13.19 19.21 -1.54
C THR C 36 12.38 18.25 -0.67
N TYR C 37 11.24 17.79 -1.19
CA TYR C 37 10.35 16.90 -0.45
C TYR C 37 10.73 15.45 -0.74
N LEU C 38 11.93 15.10 -0.27
CA LEU C 38 12.37 13.70 -0.25
C LEU C 38 12.01 13.13 1.11
N GLU C 39 11.40 11.95 1.11
CA GLU C 39 10.96 11.34 2.36
C GLU C 39 11.36 9.86 2.38
N TRP C 40 11.47 9.33 3.59
CA TRP C 40 11.76 7.92 3.79
C TRP C 40 10.65 7.31 4.65
N TYR C 41 10.06 6.21 4.16
CA TYR C 41 9.02 5.49 4.88
C TYR C 41 9.49 4.07 5.20
N LEU C 42 8.98 3.52 6.29
CA LEU C 42 9.28 2.15 6.69
C LEU C 42 7.96 1.41 6.91
N GLN C 43 7.86 0.23 6.30
CA GLN C 43 6.68 -0.62 6.43
C GLN C 43 7.07 -1.88 7.19
N LYS C 44 6.87 -1.86 8.51
CA LYS C 44 7.10 -3.03 9.34
C LYS C 44 6.19 -4.17 8.88
N PRO C 45 6.62 -5.42 9.06
CA PRO C 45 5.86 -6.54 8.50
C PRO C 45 4.44 -6.58 9.05
N GLY C 46 3.46 -6.64 8.14
CA GLY C 46 2.07 -6.70 8.54
C GLY C 46 1.46 -5.38 8.96
N GLN C 47 2.14 -4.26 8.74
CA GLN C 47 1.64 -2.96 9.15
C GLN C 47 1.64 -2.02 7.95
N SER C 48 1.07 -0.84 8.16
CA SER C 48 1.10 0.22 7.17
C SER C 48 2.45 0.94 7.20
N PRO C 49 2.82 1.62 6.11
CA PRO C 49 4.04 2.43 6.15
C PRO C 49 3.92 3.55 7.16
N GLN C 50 5.04 3.93 7.75
CA GLN C 50 5.11 5.05 8.67
C GLN C 50 6.24 5.99 8.25
N LEU C 51 6.04 7.29 8.49
CA LEU C 51 7.01 8.29 8.10
C LEU C 51 8.25 8.24 9.01
N LEU C 52 9.43 8.21 8.40
CA LEU C 52 10.70 8.26 9.12
C LEU C 52 11.40 9.60 8.95
N ILE C 53 11.66 10.01 7.72
CA ILE C 53 12.46 11.18 7.42
C ILE C 53 11.71 12.02 6.40
N TYR C 54 11.57 13.29 6.71
CA TYR C 54 10.96 14.32 5.83
C TYR C 54 12.04 15.34 5.46
N LYS C 55 11.82 15.95 4.26
CA LYS C 55 12.64 17.05 3.71
C LYS C 55 14.13 16.70 3.71
N VAL C 56 14.49 15.58 3.14
CA VAL C 56 15.89 15.11 3.06
C VAL C 56 16.55 14.70 4.38
N SER C 57 16.61 15.55 5.40
CA SER C 57 17.44 15.19 6.58
C SER C 57 16.75 15.32 7.93
N ASN C 58 15.37 15.61 7.88
CA ASN C 58 14.66 15.90 9.12
C ASN C 58 13.99 14.65 9.68
N ARG C 59 14.27 14.35 10.94
CA ARG C 59 13.71 13.18 11.60
C ARG C 59 12.31 13.50 12.12
N PHE C 60 11.36 12.63 11.81
CA PHE C 60 9.99 12.79 12.28
C PHE C 60 9.88 12.46 13.77
N SER C 61 8.83 12.98 14.39
CA SER C 61 8.65 12.81 15.82
C SER C 61 8.49 11.32 16.17
N GLY C 62 9.06 10.92 17.30
CA GLY C 62 9.04 9.54 17.72
C GLY C 62 10.03 8.63 17.03
N VAL C 63 10.73 9.10 16.01
CA VAL C 63 11.70 8.26 15.30
C VAL C 63 13.02 8.26 16.08
N PRO C 64 13.59 7.09 16.36
CA PRO C 64 14.80 7.04 17.21
C PRO C 64 15.98 7.79 16.61
N ASP C 65 16.95 8.08 17.48
CA ASP C 65 18.13 8.86 17.10
C ASP C 65 18.91 8.20 15.97
N ARG C 66 18.96 6.87 15.95
CA ARG C 66 19.85 6.16 15.03
C ARG C 66 19.50 6.35 13.56
N PHE C 67 18.33 6.91 13.25
CA PHE C 67 17.96 7.16 11.86
C PHE C 67 18.41 8.55 11.45
N SER C 68 18.93 8.66 10.23
CA SER C 68 19.36 9.94 9.71
C SER C 68 19.31 9.90 8.19
N GLY C 69 19.08 11.07 7.58
CA GLY C 69 19.02 11.17 6.14
C GLY C 69 19.92 12.29 5.65
N SER C 70 20.30 12.18 4.37
CA SER C 70 21.14 13.20 3.76
C SER C 70 21.05 13.04 2.25
N GLY C 71 21.61 14.00 1.54
CA GLY C 71 21.60 13.96 0.09
C GLY C 71 21.73 15.33 -0.52
N SER C 72 21.86 15.33 -1.84
CA SER C 72 22.01 16.55 -2.62
C SER C 72 21.81 16.21 -4.09
N GLY C 73 21.11 17.08 -4.80
CA GLY C 73 20.85 16.85 -6.21
C GLY C 73 19.91 15.69 -6.44
N THR C 74 20.42 14.59 -6.98
CA THR C 74 19.62 13.40 -7.26
C THR C 74 19.98 12.22 -6.38
N ASP C 75 20.93 12.37 -5.47
CA ASP C 75 21.42 11.27 -4.64
C ASP C 75 21.05 11.52 -3.19
N PHE C 76 20.38 10.55 -2.57
CA PHE C 76 19.98 10.64 -1.17
C PHE C 76 20.25 9.32 -0.49
N THR C 77 20.53 9.39 0.81
CA THR C 77 20.94 8.21 1.57
C THR C 77 20.23 8.20 2.92
N LEU C 78 19.79 7.02 3.33
CA LEU C 78 19.25 6.79 4.67
C LEU C 78 20.25 5.93 5.44
N LYS C 79 20.64 6.40 6.63
CA LYS C 79 21.61 5.73 7.47
C LYS C 79 20.98 5.31 8.79
N ILE C 80 21.25 4.09 9.21
CA ILE C 80 20.94 3.60 10.55
C ILE C 80 22.27 3.34 11.26
N SER C 81 22.51 4.04 12.37
CA SER C 81 23.81 3.94 13.03
C SER C 81 24.00 2.57 13.65
N ARG C 82 23.00 2.06 14.36
CA ARG C 82 23.00 0.72 14.94
C ARG C 82 21.67 0.05 14.63
N VAL C 83 21.71 -1.01 13.80
CA VAL C 83 20.47 -1.69 13.44
C VAL C 83 19.94 -2.46 14.64
N GLU C 84 18.65 -2.26 14.93
CA GLU C 84 17.94 -2.98 15.97
C GLU C 84 16.92 -3.93 15.35
N ALA C 85 16.42 -4.85 16.17
CA ALA C 85 15.48 -5.86 15.69
C ALA C 85 14.20 -5.24 15.15
N GLU C 86 13.67 -4.23 15.85
CA GLU C 86 12.43 -3.59 15.43
C GLU C 86 12.58 -2.79 14.14
N ASP C 87 13.78 -2.72 13.55
CA ASP C 87 14.05 -1.95 12.34
C ASP C 87 13.85 -2.74 11.05
N VAL C 88 13.51 -4.03 11.14
CA VAL C 88 13.31 -4.80 9.90
C VAL C 88 12.03 -4.36 9.20
N GLY C 89 11.96 -4.65 7.90
CA GLY C 89 10.84 -4.28 7.07
C GLY C 89 11.33 -3.76 5.74
N VAL C 90 10.41 -3.14 5.00
CA VAL C 90 10.68 -2.59 3.68
C VAL C 90 10.78 -1.07 3.81
N TYR C 91 11.86 -0.51 3.31
CA TYR C 91 12.12 0.92 3.32
C TYR C 91 11.85 1.50 1.94
N TYR C 92 11.11 2.61 1.90
CA TYR C 92 10.76 3.28 0.66
C TYR C 92 11.21 4.73 0.74
N CYS C 93 11.88 5.22 -0.31
CA CYS C 93 12.04 6.65 -0.47
C CYS C 93 10.88 7.19 -1.30
N PHE C 94 10.58 8.47 -1.13
CA PHE C 94 9.42 9.08 -1.77
C PHE C 94 9.72 10.54 -2.12
N GLN C 95 9.24 10.98 -3.29
CA GLN C 95 9.38 12.37 -3.70
C GLN C 95 8.01 13.01 -3.86
N GLY C 96 7.87 14.22 -3.34
CA GLY C 96 6.62 14.95 -3.42
C GLY C 96 6.78 16.33 -4.02
N SER C 97 7.85 16.54 -4.79
CA SER C 97 8.08 17.82 -5.43
C SER C 97 7.48 17.91 -6.83
N HIS C 98 7.12 16.79 -7.43
CA HIS C 98 6.57 16.76 -8.79
C HIS C 98 5.40 15.80 -8.85
N VAL C 99 4.43 16.14 -9.68
CA VAL C 99 3.28 15.27 -9.95
C VAL C 99 3.58 14.49 -11.22
N PRO C 100 3.35 13.16 -11.23
CA PRO C 100 2.80 12.42 -10.10
C PRO C 100 3.82 12.13 -9.01
N LEU C 101 3.35 12.05 -7.77
CA LEU C 101 4.21 11.63 -6.67
C LEU C 101 4.59 10.17 -6.86
N THR C 102 5.86 9.87 -6.60
CA THR C 102 6.40 8.54 -6.86
C THR C 102 7.18 8.04 -5.66
N PHE C 103 7.10 6.73 -5.44
CA PHE C 103 7.88 6.02 -4.44
C PHE C 103 9.00 5.23 -5.10
N GLY C 104 10.06 4.97 -4.33
CA GLY C 104 11.03 3.99 -4.74
C GLY C 104 10.44 2.59 -4.74
N GLN C 105 11.22 1.64 -5.24
CA GLN C 105 10.71 0.28 -5.35
C GLN C 105 10.83 -0.52 -4.06
N GLY C 106 11.56 -0.03 -3.07
CA GLY C 106 11.61 -0.67 -1.77
C GLY C 106 12.95 -1.35 -1.50
N THR C 107 13.33 -1.38 -0.23
CA THR C 107 14.54 -2.07 0.22
C THR C 107 14.19 -2.88 1.46
N LYS C 108 14.29 -4.21 1.36
CA LYS C 108 13.93 -5.05 2.47
C LYS C 108 15.13 -5.20 3.41
N LEU C 109 14.97 -4.75 4.63
CA LEU C 109 16.00 -4.86 5.65
C LEU C 109 15.72 -6.09 6.49
N GLU C 110 16.66 -7.04 6.50
CA GLU C 110 16.54 -8.26 7.28
C GLU C 110 17.72 -8.40 8.22
N ILE C 111 17.53 -9.19 9.27
CA ILE C 111 18.59 -9.44 10.24
C ILE C 111 19.51 -10.54 9.73
N LYS C 112 20.81 -10.25 9.69
CA LYS C 112 21.79 -11.27 9.32
C LYS C 112 22.10 -12.13 10.53
N ARG C 113 21.85 -13.42 10.39
CA ARG C 113 21.99 -14.40 11.46
C ARG C 113 23.04 -15.41 11.06
N THR C 114 23.57 -16.13 12.05
CA THR C 114 24.50 -17.21 11.75
C THR C 114 23.80 -18.25 10.86
N VAL C 115 24.59 -18.89 9.99
CA VAL C 115 24.01 -19.81 9.01
C VAL C 115 23.33 -20.98 9.72
N ALA C 116 22.17 -21.37 9.20
CA ALA C 116 21.37 -22.44 9.77
C ALA C 116 20.96 -23.40 8.65
N ALA C 117 21.35 -24.66 8.78
CA ALA C 117 20.97 -25.64 7.78
C ALA C 117 19.49 -26.03 7.96
N PRO C 118 18.76 -26.21 6.87
CA PRO C 118 17.34 -26.58 6.98
C PRO C 118 17.15 -28.04 7.33
N SER C 119 16.08 -28.29 8.09
CA SER C 119 15.58 -29.65 8.28
C SER C 119 14.55 -29.94 7.19
N VAL C 120 14.74 -31.03 6.47
CA VAL C 120 13.96 -31.34 5.27
C VAL C 120 13.01 -32.49 5.57
N PHE C 121 11.74 -32.32 5.23
CA PHE C 121 10.72 -33.36 5.30
C PHE C 121 10.01 -33.46 3.96
N ILE C 122 9.53 -34.66 3.63
CA ILE C 122 8.76 -34.90 2.41
C ILE C 122 7.48 -35.62 2.77
N PHE C 123 6.38 -35.24 2.13
CA PHE C 123 5.06 -35.80 2.39
C PHE C 123 4.48 -36.38 1.11
N PRO C 124 4.00 -37.62 1.14
CA PRO C 124 3.39 -38.20 -0.06
C PRO C 124 1.98 -37.70 -0.27
N PRO C 125 1.41 -37.90 -1.45
CA PRO C 125 -0.01 -37.56 -1.65
C PRO C 125 -0.93 -38.43 -0.81
N SER C 126 -2.01 -37.83 -0.32
CA SER C 126 -2.91 -38.51 0.61
C SER C 126 -3.81 -39.50 -0.12
N ASP C 127 -4.42 -40.39 0.66
CA ASP C 127 -5.50 -41.23 0.15
C ASP C 127 -6.64 -40.35 -0.38
N GLU C 128 -7.03 -39.35 0.41
CA GLU C 128 -8.24 -38.60 0.12
C GLU C 128 -8.08 -37.71 -1.11
N GLN C 129 -6.88 -37.19 -1.35
CA GLN C 129 -6.68 -36.37 -2.54
C GLN C 129 -6.53 -37.22 -3.81
N LEU C 130 -5.96 -38.42 -3.68
CA LEU C 130 -5.81 -39.28 -4.85
C LEU C 130 -7.16 -39.71 -5.40
N LYS C 131 -8.14 -39.92 -4.53
CA LYS C 131 -9.50 -40.19 -4.99
C LYS C 131 -10.11 -38.99 -5.70
N SER C 132 -9.54 -37.80 -5.55
CA SER C 132 -10.01 -36.59 -6.23
C SER C 132 -9.35 -36.38 -7.58
N GLY C 133 -8.46 -37.28 -8.01
CA GLY C 133 -7.87 -37.21 -9.32
C GLY C 133 -6.57 -36.44 -9.42
N THR C 134 -6.16 -35.75 -8.36
CA THR C 134 -4.93 -34.99 -8.35
C THR C 134 -3.98 -35.52 -7.28
N ALA C 135 -2.69 -35.21 -7.45
CA ALA C 135 -1.65 -35.68 -6.55
C ALA C 135 -0.71 -34.52 -6.24
N SER C 136 -0.49 -34.27 -4.96
CA SER C 136 0.41 -33.20 -4.50
C SER C 136 1.46 -33.79 -3.58
N VAL C 137 2.73 -33.47 -3.85
CA VAL C 137 3.87 -33.91 -3.05
C VAL C 137 4.56 -32.69 -2.47
N VAL C 138 4.76 -32.67 -1.15
CA VAL C 138 5.23 -31.49 -0.44
C VAL C 138 6.61 -31.77 0.14
N CYS C 139 7.55 -30.86 -0.10
CA CYS C 139 8.87 -30.87 0.50
C CYS C 139 8.99 -29.64 1.39
N LEU C 140 9.40 -29.85 2.65
CA LEU C 140 9.44 -28.80 3.65
C LEU C 140 10.87 -28.53 4.07
N LEU C 141 11.27 -27.26 4.04
CA LEU C 141 12.56 -26.80 4.53
C LEU C 141 12.29 -25.94 5.77
N ASN C 142 12.72 -26.43 6.92
CA ASN C 142 12.32 -25.84 8.20
C ASN C 142 13.50 -25.07 8.82
N ASN C 143 13.27 -23.79 9.13
CA ASN C 143 14.10 -22.98 10.03
C ASN C 143 15.56 -22.94 9.56
N PHE C 144 15.76 -22.29 8.41
CA PHE C 144 17.09 -22.13 7.82
C PHE C 144 17.42 -20.66 7.59
N TYR C 145 18.70 -20.42 7.30
CA TYR C 145 19.23 -19.10 6.99
C TYR C 145 20.59 -19.27 6.34
N PRO C 146 20.92 -18.51 5.29
CA PRO C 146 20.13 -17.45 4.66
C PRO C 146 18.92 -17.92 3.85
N ARG C 147 18.19 -16.96 3.28
CA ARG C 147 16.95 -17.25 2.57
C ARG C 147 17.18 -18.07 1.30
N GLU C 148 18.33 -17.91 0.66
CA GLU C 148 18.56 -18.52 -0.65
C GLU C 148 18.70 -20.03 -0.52
N ALA C 149 17.78 -20.77 -1.13
CA ALA C 149 17.82 -22.22 -1.10
C ALA C 149 17.29 -22.75 -2.43
N LYS C 150 17.84 -23.88 -2.85
CA LYS C 150 17.43 -24.53 -4.09
C LYS C 150 16.75 -25.85 -3.76
N VAL C 151 15.57 -26.06 -4.35
CA VAL C 151 14.81 -27.30 -4.20
C VAL C 151 14.48 -27.84 -5.59
N GLN C 152 14.99 -29.01 -5.91
CA GLN C 152 14.74 -29.66 -7.20
C GLN C 152 14.02 -30.99 -6.98
N TRP C 153 12.94 -31.20 -7.71
CA TRP C 153 12.17 -32.43 -7.65
C TRP C 153 12.69 -33.43 -8.68
N LYS C 154 12.69 -34.71 -8.30
CA LYS C 154 13.14 -35.77 -9.18
C LYS C 154 12.18 -36.93 -9.07
N VAL C 155 11.50 -37.25 -10.17
CA VAL C 155 10.60 -38.39 -10.24
C VAL C 155 11.32 -39.50 -11.00
N ASP C 156 11.68 -40.57 -10.29
CA ASP C 156 12.52 -41.63 -10.84
C ASP C 156 13.81 -41.06 -11.43
N ASN C 157 14.43 -40.13 -10.68
CA ASN C 157 15.65 -39.43 -11.05
C ASN C 157 15.49 -38.52 -12.25
N ALA C 158 14.27 -38.28 -12.70
CA ALA C 158 14.01 -37.33 -13.78
C ALA C 158 13.74 -35.96 -13.18
N LEU C 159 14.58 -34.98 -13.52
CA LEU C 159 14.46 -33.65 -12.94
C LEU C 159 13.24 -32.93 -13.49
N GLN C 160 12.30 -32.59 -12.60
CA GLN C 160 11.03 -31.97 -13.00
C GLN C 160 11.22 -30.47 -13.24
N SER C 161 10.23 -29.89 -13.93
CA SER C 161 10.26 -28.46 -14.24
C SER C 161 8.86 -28.02 -14.62
N GLY C 162 8.44 -26.88 -14.07
CA GLY C 162 7.17 -26.28 -14.41
C GLY C 162 5.98 -26.77 -13.61
N ASN C 163 6.14 -27.83 -12.82
CA ASN C 163 5.04 -28.43 -12.08
C ASN C 163 5.21 -28.28 -10.57
N SER C 164 5.94 -27.26 -10.13
CA SER C 164 6.21 -27.08 -8.70
C SER C 164 6.15 -25.60 -8.34
N GLN C 165 5.32 -25.28 -7.34
CA GLN C 165 5.23 -23.96 -6.75
C GLN C 165 5.81 -23.99 -5.34
N GLU C 166 6.31 -22.84 -4.88
CA GLU C 166 6.93 -22.78 -3.57
C GLU C 166 6.67 -21.43 -2.91
N SER C 167 6.66 -21.44 -1.59
CA SER C 167 6.39 -20.24 -0.81
C SER C 167 7.29 -20.23 0.41
N VAL C 168 7.69 -19.05 0.84
CA VAL C 168 8.60 -18.87 1.95
C VAL C 168 7.92 -17.99 2.99
N THR C 169 8.22 -18.25 4.26
CA THR C 169 7.68 -17.43 5.33
C THR C 169 8.52 -16.16 5.51
N GLU C 170 7.94 -15.18 6.19
CA GLU C 170 8.72 -14.03 6.62
C GLU C 170 9.77 -14.48 7.64
N GLN C 171 10.82 -13.67 7.77
CA GLN C 171 11.86 -13.98 8.75
C GLN C 171 11.27 -14.00 10.15
N ASP C 172 11.47 -15.11 10.85
CA ASP C 172 10.88 -15.28 12.17
C ASP C 172 11.38 -14.21 13.14
N SER C 173 10.45 -13.68 13.94
CA SER C 173 10.80 -12.58 14.83
C SER C 173 11.60 -13.03 16.04
N LYS C 174 11.69 -14.34 16.30
CA LYS C 174 12.36 -14.85 17.49
C LYS C 174 13.68 -15.55 17.21
N ASP C 175 13.82 -16.25 16.08
CA ASP C 175 15.10 -16.87 15.73
C ASP C 175 15.65 -16.42 14.39
N SER C 176 14.94 -15.55 13.66
CA SER C 176 15.44 -14.95 12.42
C SER C 176 15.69 -15.99 11.33
N THR C 177 14.88 -17.05 11.28
CA THR C 177 15.02 -18.06 10.25
C THR C 177 13.83 -18.01 9.29
N TYR C 178 14.00 -18.66 8.15
CA TYR C 178 12.95 -18.80 7.15
C TYR C 178 12.49 -20.25 7.11
N SER C 179 11.31 -20.45 6.50
CA SER C 179 10.79 -21.78 6.22
C SER C 179 10.16 -21.77 4.84
N LEU C 180 10.34 -22.88 4.10
CA LEU C 180 9.93 -22.98 2.71
C LEU C 180 9.15 -24.28 2.49
N SER C 181 8.16 -24.21 1.60
CA SER C 181 7.37 -25.38 1.23
C SER C 181 7.33 -25.48 -0.29
N SER C 182 7.86 -26.58 -0.83
CA SER C 182 7.80 -26.86 -2.25
C SER C 182 6.69 -27.88 -2.52
N THR C 183 5.93 -27.65 -3.58
CA THR C 183 4.71 -28.43 -3.83
C THR C 183 4.74 -28.95 -5.26
N LEU C 184 5.00 -30.25 -5.42
CA LEU C 184 4.98 -30.91 -6.72
C LEU C 184 3.53 -31.28 -7.06
N THR C 185 2.98 -30.66 -8.10
CA THR C 185 1.59 -30.86 -8.51
C THR C 185 1.58 -31.76 -9.74
N LEU C 186 1.06 -32.99 -9.58
CA LEU C 186 1.00 -33.96 -10.66
C LEU C 186 -0.42 -34.49 -10.79
N SER C 187 -0.77 -34.90 -12.01
CA SER C 187 -1.98 -35.67 -12.19
C SER C 187 -1.82 -37.04 -11.54
N LYS C 188 -2.95 -37.56 -11.02
CA LYS C 188 -2.92 -38.90 -10.42
C LYS C 188 -2.49 -39.94 -11.45
N ALA C 189 -2.85 -39.74 -12.72
CA ALA C 189 -2.30 -40.57 -13.80
C ALA C 189 -0.78 -40.58 -13.73
N ASP C 190 -0.17 -39.41 -13.91
CA ASP C 190 1.29 -39.31 -13.87
C ASP C 190 1.87 -39.84 -12.56
N TYR C 191 1.15 -39.65 -11.45
CA TYR C 191 1.68 -40.09 -10.17
C TYR C 191 1.79 -41.60 -10.09
N GLU C 192 0.76 -42.31 -10.58
CA GLU C 192 0.73 -43.76 -10.44
C GLU C 192 1.52 -44.49 -11.51
N LYS C 193 2.17 -43.78 -12.44
CA LYS C 193 3.04 -44.43 -13.40
C LYS C 193 4.50 -44.45 -12.98
N HIS C 194 4.86 -43.78 -11.88
CA HIS C 194 6.24 -43.73 -11.42
C HIS C 194 6.31 -44.21 -9.98
N LYS C 195 7.53 -44.45 -9.50
CA LYS C 195 7.73 -45.09 -8.21
C LYS C 195 8.36 -44.18 -7.17
N VAL C 196 9.55 -43.63 -7.42
CA VAL C 196 10.29 -42.91 -6.40
C VAL C 196 10.15 -41.41 -6.62
N TYR C 197 10.01 -40.67 -5.51
CA TYR C 197 9.80 -39.23 -5.53
C TYR C 197 10.75 -38.60 -4.51
N ALA C 198 11.56 -37.65 -4.97
CA ALA C 198 12.60 -37.07 -4.14
C ALA C 198 12.70 -35.57 -4.39
N CYS C 199 13.08 -34.84 -3.34
CA CYS C 199 13.46 -33.44 -3.47
C CYS C 199 14.89 -33.27 -2.97
N GLU C 200 15.72 -32.62 -3.79
CA GLU C 200 17.12 -32.36 -3.44
C GLU C 200 17.24 -30.90 -3.01
N VAL C 201 17.91 -30.67 -1.88
CA VAL C 201 17.98 -29.37 -1.24
C VAL C 201 19.42 -28.90 -1.22
N THR C 202 19.68 -27.74 -1.81
CA THR C 202 20.99 -27.11 -1.80
C THR C 202 20.89 -25.83 -1.00
N HIS C 203 21.84 -25.63 -0.08
CA HIS C 203 21.81 -24.50 0.83
C HIS C 203 23.20 -24.29 1.42
N GLN C 204 23.49 -23.03 1.78
CA GLN C 204 24.81 -22.70 2.31
C GLN C 204 25.11 -23.47 3.60
N GLY C 205 24.08 -23.83 4.36
CA GLY C 205 24.29 -24.58 5.59
C GLY C 205 24.49 -26.06 5.43
N LEU C 206 24.32 -26.60 4.22
CA LEU C 206 24.52 -28.02 3.94
C LEU C 206 25.80 -28.19 3.15
N SER C 207 26.76 -28.94 3.72
CA SER C 207 28.03 -29.15 3.03
C SER C 207 27.84 -29.93 1.72
N SER C 208 26.80 -30.74 1.64
CA SER C 208 26.42 -31.45 0.43
C SER C 208 24.90 -31.51 0.36
N PRO C 209 24.33 -31.54 -0.85
CA PRO C 209 22.87 -31.51 -0.96
C PRO C 209 22.21 -32.67 -0.23
N VAL C 210 21.02 -32.40 0.30
CA VAL C 210 20.23 -33.36 1.08
C VAL C 210 19.05 -33.81 0.24
N THR C 211 18.74 -35.11 0.29
CA THR C 211 17.66 -35.71 -0.48
C THR C 211 16.71 -36.45 0.46
N LYS C 212 15.41 -36.23 0.27
CA LYS C 212 14.36 -36.96 0.98
C LYS C 212 13.46 -37.63 -0.04
N SER C 213 13.20 -38.92 0.16
CA SER C 213 12.53 -39.72 -0.86
C SER C 213 11.47 -40.62 -0.23
N PHE C 214 10.59 -41.12 -1.09
CA PHE C 214 9.63 -42.15 -0.72
C PHE C 214 9.21 -42.86 -2.01
N ASN C 215 8.96 -44.15 -1.91
CA ASN C 215 8.43 -44.92 -3.03
C ASN C 215 6.91 -44.96 -2.93
N ARG C 216 6.24 -44.70 -4.05
CA ARG C 216 4.79 -44.83 -4.09
C ARG C 216 4.40 -46.25 -3.70
N GLY C 217 3.45 -46.37 -2.79
CA GLY C 217 3.22 -47.63 -2.13
C GLY C 217 3.77 -47.65 -0.72
N GLU C 218 4.96 -48.22 -0.55
CA GLU C 218 5.65 -48.31 0.74
C GLU C 218 5.50 -47.07 1.61
#